data_5RZE
#
_entry.id   5RZE
#
_cell.length_a   38.500
_cell.length_b   77.380
_cell.length_c   99.700
_cell.angle_alpha   90.000
_cell.angle_beta   90.000
_cell.angle_gamma   90.000
#
_symmetry.space_group_name_H-M   'P 21 21 21'
#
loop_
_entity.id
_entity.type
_entity.pdbx_description
1 polymer 'Isoform 2 of Band 4.1-like protein 3'
2 non-polymer ~{N}-methyl-1-pyridin-4-yl-methanamine
3 non-polymer 'DIMETHYL SULFOXIDE'
4 non-polymer 1,2-ETHANEDIOL
5 water water
#
_entity_poly.entity_id   1
_entity_poly.type   'polypeptide(L)'
_entity_poly.pdbx_seq_one_letter_code
;SMPKSMQCKVILLDGSEYTCDVEKRSRGQVLFDKVCEHLNLLEKDYFGLTYRDAENQKNWLDPAKEIKKQVRSGAWHFSF
NVKFYPPDPAQLSEDITRYYLCLQLRDDIVSGRLPCSFVTLALLGSYTVQSELGDYDPDECGSDYISEFRFAPNHTKELE
DKVIELHKSHRGMTPAEAEMHFLENAKKLSMYGVDLHHAKDSEGVEIMLGVCASGLLIYRDRLRINRFAWPKVLKISYKR
NNFYIKIRPGEFEQFESTIGFKLPNHRAAKRLWKVCVEHHTFFRLL
;
_entity_poly.pdbx_strand_id   A
#
loop_
_chem_comp.id
_chem_comp.type
_chem_comp.name
_chem_comp.formula
DMS non-polymer 'DIMETHYL SULFOXIDE' 'C2 H6 O S'
EDO non-polymer 1,2-ETHANEDIOL 'C2 H6 O2'
RYP non-polymer ~{N}-methyl-1-pyridin-4-yl-methanamine 'C7 H10 N2'
#
# COMPACT_ATOMS: atom_id res chain seq x y z
N PRO A 3 -12.98 3.92 33.98
CA PRO A 3 -11.95 3.82 32.92
C PRO A 3 -12.40 4.52 31.62
N LYS A 4 -11.78 5.66 31.31
CA LYS A 4 -12.24 6.53 30.20
C LYS A 4 -11.84 5.99 28.83
N SER A 5 -12.81 5.96 27.92
N SER A 5 -12.82 5.86 27.95
CA SER A 5 -12.72 5.34 26.57
CA SER A 5 -12.64 5.35 26.56
C SER A 5 -12.92 6.38 25.46
C SER A 5 -12.64 6.51 25.59
N MET A 6 -12.16 6.27 24.37
CA MET A 6 -12.23 7.20 23.24
C MET A 6 -12.87 6.42 22.09
N GLN A 7 -13.79 7.06 21.38
CA GLN A 7 -14.43 6.46 20.21
C GLN A 7 -13.41 6.48 19.07
N CYS A 8 -13.25 5.36 18.37
CA CYS A 8 -12.37 5.26 17.18
C CYS A 8 -13.22 4.97 15.96
N LYS A 9 -12.89 5.63 14.85
CA LYS A 9 -13.55 5.33 13.58
C LYS A 9 -12.48 4.93 12.55
N VAL A 10 -12.73 3.80 11.89
CA VAL A 10 -11.73 3.21 10.97
C VAL A 10 -12.40 3.00 9.63
N ILE A 11 -11.88 3.63 8.59
CA ILE A 11 -12.37 3.37 7.22
C ILE A 11 -11.75 2.04 6.76
N LEU A 12 -12.59 1.07 6.43
CA LEU A 12 -12.14 -0.27 5.99
C LEU A 12 -11.91 -0.23 4.49
N LEU A 13 -11.30 -1.28 3.96
CA LEU A 13 -10.89 -1.27 2.54
C LEU A 13 -12.10 -1.41 1.61
N ASP A 14 -13.26 -1.88 2.12
CA ASP A 14 -14.52 -1.91 1.32
C ASP A 14 -15.21 -0.55 1.37
N GLY A 15 -14.64 0.45 2.05
CA GLY A 15 -15.18 1.82 2.08
C GLY A 15 -16.15 2.04 3.23
N SER A 16 -16.48 0.98 3.94
CA SER A 16 -17.35 1.07 5.14
C SER A 16 -16.52 1.53 6.36
N GLU A 17 -17.21 1.86 7.44
CA GLU A 17 -16.59 2.44 8.66
C GLU A 17 -16.82 1.50 9.84
N TYR A 18 -15.76 1.12 10.54
CA TYR A 18 -15.81 0.37 11.81
C TYR A 18 -15.66 1.37 12.96
N THR A 19 -16.57 1.31 13.92
CA THR A 19 -16.55 2.16 15.13
C THR A 19 -16.35 1.25 16.33
N CYS A 20 -15.44 1.62 17.23
CA CYS A 20 -15.20 0.95 18.52
C CYS A 20 -14.68 1.96 19.54
N ASP A 21 -14.52 1.53 20.77
CA ASP A 21 -14.00 2.35 21.87
C ASP A 21 -12.74 1.65 22.35
N VAL A 22 -11.73 2.41 22.70
CA VAL A 22 -10.53 1.92 23.43
C VAL A 22 -10.27 2.84 24.63
N GLU A 23 -9.60 2.34 25.65
CA GLU A 23 -9.18 3.18 26.78
C GLU A 23 -8.24 4.28 26.24
N LYS A 24 -8.39 5.52 26.70
CA LYS A 24 -7.75 6.72 26.07
C LYS A 24 -6.21 6.58 26.08
N ARG A 25 -5.64 5.75 26.97
CA ARG A 25 -4.17 5.55 27.07
C ARG A 25 -3.73 4.33 26.24
N SER A 26 -4.63 3.78 25.42
CA SER A 26 -4.38 2.53 24.66
C SER A 26 -3.25 2.76 23.64
N ARG A 27 -2.41 1.74 23.48
CA ARG A 27 -1.37 1.65 22.42
C ARG A 27 -2.05 1.28 21.10
N GLY A 28 -1.41 1.59 19.96
CA GLY A 28 -2.06 1.34 18.65
C GLY A 28 -2.47 -0.13 18.48
N GLN A 29 -1.71 -1.07 19.04
CA GLN A 29 -1.94 -2.52 18.85
C GLN A 29 -3.36 -2.87 19.30
N VAL A 30 -3.84 -2.25 20.38
CA VAL A 30 -5.18 -2.53 20.94
C VAL A 30 -6.24 -2.33 19.83
N LEU A 31 -6.25 -1.16 19.20
CA LEU A 31 -7.22 -0.82 18.13
C LEU A 31 -7.00 -1.72 16.93
N PHE A 32 -5.77 -1.91 16.53
CA PHE A 32 -5.44 -2.77 15.36
C PHE A 32 -6.01 -4.19 15.58
N ASP A 33 -5.82 -4.75 16.78
CA ASP A 33 -6.32 -6.12 17.14
C ASP A 33 -7.84 -6.14 17.01
N LYS A 34 -8.56 -5.12 17.51
CA LYS A 34 -10.03 -5.04 17.36
C LYS A 34 -10.43 -5.01 15.88
N VAL A 35 -9.76 -4.20 15.08
CA VAL A 35 -10.13 -4.09 13.65
C VAL A 35 -9.87 -5.43 12.96
N CYS A 36 -8.73 -6.06 13.22
CA CYS A 36 -8.37 -7.36 12.59
C CYS A 36 -9.36 -8.46 13.00
N GLU A 37 -9.76 -8.49 14.25
CA GLU A 37 -10.82 -9.44 14.70
C GLU A 37 -12.11 -9.15 13.93
N HIS A 38 -12.55 -7.90 13.84
CA HIS A 38 -13.74 -7.51 13.02
C HIS A 38 -13.61 -8.10 11.61
N LEU A 39 -12.41 -8.03 11.03
CA LEU A 39 -12.19 -8.39 9.60
C LEU A 39 -11.95 -9.89 9.46
N ASN A 40 -11.88 -10.64 10.56
CA ASN A 40 -11.57 -12.09 10.51
C ASN A 40 -10.17 -12.31 9.89
N LEU A 41 -9.22 -11.44 10.20
CA LEU A 41 -7.89 -11.42 9.56
C LEU A 41 -6.85 -11.94 10.55
N LEU A 42 -6.18 -13.04 10.18
CA LEU A 42 -5.16 -13.69 11.03
C LEU A 42 -3.76 -13.29 10.57
N GLU A 43 -3.54 -13.13 9.25
CA GLU A 43 -2.23 -12.74 8.71
C GLU A 43 -2.09 -11.23 8.84
N LYS A 44 -2.00 -10.75 10.07
CA LYS A 44 -2.05 -9.30 10.39
C LYS A 44 -0.74 -8.56 10.03
N ASP A 45 0.40 -9.26 9.88
CA ASP A 45 1.74 -8.66 9.79
C ASP A 45 1.86 -7.70 8.59
N TYR A 46 1.11 -7.93 7.52
CA TYR A 46 1.16 -7.12 6.26
C TYR A 46 0.39 -5.79 6.37
N PHE A 47 -0.41 -5.59 7.42
CA PHE A 47 -1.39 -4.48 7.52
C PHE A 47 -1.07 -3.52 8.65
N GLY A 48 -1.79 -2.40 8.68
CA GLY A 48 -1.61 -1.36 9.68
C GLY A 48 -2.75 -0.37 9.58
N LEU A 49 -2.76 0.54 10.52
CA LEU A 49 -3.70 1.68 10.49
C LEU A 49 -2.92 2.93 10.15
N THR A 50 -3.55 3.81 9.39
CA THR A 50 -3.01 5.13 9.06
C THR A 50 -3.90 6.14 9.76
N TYR A 51 -3.34 7.31 10.03
CA TYR A 51 -4.10 8.50 10.44
C TYR A 51 -3.44 9.68 9.70
N ARG A 52 -4.11 10.83 9.74
CA ARG A 52 -3.61 12.09 9.14
C ARG A 52 -3.11 12.99 10.26
N ASP A 53 -1.93 13.59 10.09
CA ASP A 53 -1.30 14.48 11.08
C ASP A 53 -1.85 15.88 10.85
N ALA A 54 -1.36 16.83 11.67
CA ALA A 54 -1.81 18.25 11.65
C ALA A 54 -1.49 18.87 10.29
N GLU A 55 -0.54 18.30 9.55
CA GLU A 55 -0.17 18.74 8.17
C GLU A 55 -0.96 17.97 7.10
N ASN A 56 -1.94 17.13 7.51
CA ASN A 56 -2.80 16.28 6.63
C ASN A 56 -1.96 15.23 5.87
N GLN A 57 -0.82 14.82 6.42
CA GLN A 57 0.05 13.78 5.80
C GLN A 57 -0.41 12.44 6.40
N LYS A 58 -0.47 11.40 5.60
CA LYS A 58 -0.71 10.01 6.09
C LYS A 58 0.47 9.57 6.94
N ASN A 59 0.19 8.99 8.10
CA ASN A 59 1.19 8.39 8.99
C ASN A 59 0.70 7.01 9.38
N TRP A 60 1.62 6.07 9.55
CA TRP A 60 1.31 4.77 10.15
C TRP A 60 1.13 4.98 11.64
N LEU A 61 0.05 4.47 12.18
CA LEU A 61 -0.13 4.35 13.63
C LEU A 61 0.84 3.28 14.12
N ASP A 62 1.76 3.68 15.00
CA ASP A 62 2.74 2.76 15.62
C ASP A 62 2.01 1.95 16.68
N PRO A 63 1.92 0.62 16.51
CA PRO A 63 1.18 -0.22 17.44
C PRO A 63 1.80 -0.29 18.83
N ALA A 64 3.07 0.07 18.95
CA ALA A 64 3.78 0.01 20.24
C ALA A 64 3.62 1.31 21.03
N LYS A 65 3.09 2.38 20.42
CA LYS A 65 3.00 3.73 21.07
C LYS A 65 1.55 4.07 21.37
N GLU A 66 1.34 4.90 22.39
CA GLU A 66 -0.02 5.35 22.73
C GLU A 66 -0.65 6.03 21.51
N ILE A 67 -1.90 5.74 21.28
CA ILE A 67 -2.68 6.37 20.19
C ILE A 67 -2.69 7.89 20.41
N LYS A 68 -2.96 8.32 21.64
CA LYS A 68 -3.11 9.77 21.94
C LYS A 68 -1.82 10.53 21.62
N LYS A 69 -0.64 9.90 21.76
CA LYS A 69 0.64 10.58 21.50
C LYS A 69 0.98 10.60 20.00
N GLN A 70 0.15 9.99 19.18
CA GLN A 70 0.38 10.03 17.71
C GLN A 70 -0.68 10.92 17.08
N VAL A 71 -1.96 10.73 17.39
CA VAL A 71 -3.04 11.56 16.79
C VAL A 71 -3.03 12.97 17.42
N ARG A 72 -2.49 13.07 18.62
CA ARG A 72 -2.25 14.34 19.38
C ARG A 72 -3.52 15.19 19.37
N SER A 73 -3.55 16.25 18.56
CA SER A 73 -4.64 17.23 18.60
C SER A 73 -5.78 16.79 17.69
N GLY A 74 -5.57 15.80 16.83
CA GLY A 74 -6.52 15.44 15.78
C GLY A 74 -7.57 14.43 16.23
N ALA A 75 -8.50 14.11 15.33
CA ALA A 75 -9.61 13.17 15.61
C ALA A 75 -9.07 11.75 15.62
N TRP A 76 -9.74 10.86 16.34
CA TRP A 76 -9.36 9.42 16.39
C TRP A 76 -10.01 8.70 15.21
N HIS A 77 -9.51 9.07 14.05
CA HIS A 77 -10.01 8.63 12.74
C HIS A 77 -8.85 7.99 11.99
N PHE A 78 -9.09 6.84 11.43
CA PHE A 78 -8.01 5.96 10.92
C PHE A 78 -8.49 5.32 9.63
N SER A 79 -7.56 4.78 8.85
CA SER A 79 -7.86 3.85 7.74
C SER A 79 -7.09 2.55 7.97
N PHE A 80 -7.69 1.46 7.57
CA PHE A 80 -7.06 0.13 7.56
C PHE A 80 -6.42 -0.09 6.20
N ASN A 81 -5.12 -0.41 6.17
CA ASN A 81 -4.36 -0.39 4.91
C ASN A 81 -3.35 -1.54 4.91
N VAL A 82 -2.93 -1.92 3.71
CA VAL A 82 -1.74 -2.77 3.53
C VAL A 82 -0.50 -1.91 3.80
N LYS A 83 0.36 -2.33 4.72
CA LYS A 83 1.63 -1.67 5.05
C LYS A 83 2.79 -2.31 4.24
N PHE A 84 2.86 -3.62 4.24
CA PHE A 84 3.93 -4.37 3.54
C PHE A 84 3.31 -5.23 2.45
N TYR A 85 3.51 -4.85 1.18
CA TYR A 85 2.88 -5.57 0.04
C TYR A 85 3.72 -6.81 -0.23
N PRO A 86 3.16 -8.02 -0.09
CA PRO A 86 4.00 -9.21 -0.28
C PRO A 86 4.43 -9.38 -1.73
N PRO A 87 5.72 -9.66 -2.01
CA PRO A 87 6.14 -9.83 -3.39
C PRO A 87 5.50 -11.07 -4.03
N ASP A 88 5.16 -12.07 -3.23
CA ASP A 88 4.55 -13.31 -3.77
C ASP A 88 3.28 -13.61 -3.00
N PRO A 89 2.15 -13.00 -3.38
CA PRO A 89 0.90 -13.21 -2.66
C PRO A 89 0.42 -14.66 -2.64
N ALA A 90 0.86 -15.51 -3.57
CA ALA A 90 0.46 -16.94 -3.60
C ALA A 90 0.97 -17.63 -2.33
N GLN A 91 1.97 -17.08 -1.69
CA GLN A 91 2.57 -17.72 -0.48
C GLN A 91 1.84 -17.29 0.79
N LEU A 92 0.89 -16.35 0.71
CA LEU A 92 0.04 -16.08 1.90
C LEU A 92 -0.77 -17.32 2.23
N SER A 93 -0.99 -17.57 3.52
CA SER A 93 -1.64 -18.80 4.02
C SER A 93 -3.17 -18.73 3.80
N GLU A 94 -3.81 -17.54 3.81
CA GLU A 94 -5.29 -17.49 3.75
C GLU A 94 -5.77 -16.65 2.55
N ASP A 95 -6.85 -17.15 1.95
CA ASP A 95 -7.60 -16.47 0.88
C ASP A 95 -8.06 -15.10 1.40
N ILE A 96 -8.44 -14.99 2.67
CA ILE A 96 -9.03 -13.71 3.16
C ILE A 96 -7.94 -12.64 3.18
N THR A 97 -6.68 -13.02 3.41
CA THR A 97 -5.55 -12.07 3.37
C THR A 97 -5.46 -11.54 1.94
N ARG A 98 -5.50 -12.48 0.98
CA ARG A 98 -5.39 -12.09 -0.44
C ARG A 98 -6.55 -11.16 -0.80
N TYR A 99 -7.74 -11.41 -0.29
CA TYR A 99 -8.96 -10.58 -0.55
C TYR A 99 -8.68 -9.14 -0.10
N TYR A 100 -8.22 -8.92 1.13
CA TYR A 100 -7.92 -7.56 1.63
C TYR A 100 -6.82 -6.93 0.79
N LEU A 101 -5.78 -7.72 0.41
CA LEU A 101 -4.72 -7.17 -0.46
C LEU A 101 -5.33 -6.73 -1.81
N CYS A 102 -6.24 -7.49 -2.39
CA CYS A 102 -6.98 -7.11 -3.62
C CYS A 102 -7.71 -5.80 -3.37
N LEU A 103 -8.42 -5.70 -2.25
CA LEU A 103 -9.21 -4.45 -2.01
C LEU A 103 -8.24 -3.27 -1.97
N GLN A 104 -7.08 -3.42 -1.30
CA GLN A 104 -6.12 -2.31 -1.22
C GLN A 104 -5.65 -1.91 -2.63
N LEU A 105 -5.25 -2.90 -3.42
CA LEU A 105 -4.74 -2.68 -4.79
C LEU A 105 -5.80 -2.04 -5.65
N ARG A 106 -7.08 -2.41 -5.50
CA ARG A 106 -8.14 -1.75 -6.30
C ARG A 106 -8.16 -0.24 -5.99
N ASP A 107 -7.96 0.15 -4.74
CA ASP A 107 -7.91 1.58 -4.34
C ASP A 107 -6.61 2.21 -4.83
N ASP A 108 -5.50 1.48 -4.79
CA ASP A 108 -4.23 1.95 -5.36
C ASP A 108 -4.44 2.29 -6.83
N ILE A 109 -5.17 1.46 -7.54
CA ILE A 109 -5.36 1.63 -8.99
C ILE A 109 -6.30 2.82 -9.24
N VAL A 110 -7.47 2.85 -8.62
CA VAL A 110 -8.51 3.91 -8.86
C VAL A 110 -7.92 5.29 -8.51
N SER A 111 -7.15 5.34 -7.44
CA SER A 111 -6.53 6.57 -6.89
C SER A 111 -5.41 7.08 -7.80
N GLY A 112 -4.89 6.22 -8.70
CA GLY A 112 -3.74 6.52 -9.58
C GLY A 112 -2.39 6.34 -8.91
N ARG A 113 -2.32 5.85 -7.67
CA ARG A 113 -1.03 5.54 -7.00
C ARG A 113 -0.33 4.40 -7.73
N LEU A 114 -1.10 3.49 -8.34
CA LEU A 114 -0.54 2.31 -9.02
C LEU A 114 -0.86 2.42 -10.50
N PRO A 115 0.03 3.01 -11.32
CA PRO A 115 -0.28 3.19 -12.73
C PRO A 115 -0.33 1.82 -13.38
N CYS A 116 -1.10 1.71 -14.45
N CYS A 116 -1.27 1.66 -14.30
CA CYS A 116 -1.48 0.42 -15.04
CA CYS A 116 -1.53 0.43 -15.08
C CYS A 116 -1.92 0.65 -16.49
C CYS A 116 -1.70 0.78 -16.56
N SER A 117 -1.45 -0.19 -17.42
CA SER A 117 -1.86 -0.12 -18.84
C SER A 117 -3.36 -0.39 -18.95
N PHE A 118 -3.97 0.07 -20.02
CA PHE A 118 -5.36 -0.24 -20.42
C PHE A 118 -5.64 -1.73 -20.24
N VAL A 119 -4.81 -2.56 -20.85
CA VAL A 119 -5.10 -4.01 -20.90
C VAL A 119 -5.02 -4.56 -19.48
N THR A 120 -4.05 -4.14 -18.67
CA THR A 120 -3.96 -4.66 -17.30
C THR A 120 -5.11 -4.11 -16.46
N LEU A 121 -5.49 -2.84 -16.61
CA LEU A 121 -6.73 -2.37 -15.95
C LEU A 121 -7.93 -3.28 -16.28
N ALA A 122 -8.14 -3.62 -17.54
CA ALA A 122 -9.29 -4.45 -17.99
C ALA A 122 -9.18 -5.87 -17.42
N LEU A 123 -7.97 -6.41 -17.36
CA LEU A 123 -7.75 -7.77 -16.85
C LEU A 123 -7.97 -7.79 -15.34
N LEU A 124 -7.41 -6.83 -14.61
CA LEU A 124 -7.68 -6.76 -13.15
C LEU A 124 -9.20 -6.59 -12.90
N GLY A 125 -9.86 -5.66 -13.58
CA GLY A 125 -11.32 -5.47 -13.48
C GLY A 125 -12.07 -6.78 -13.72
N SER A 126 -11.71 -7.52 -14.77
CA SER A 126 -12.38 -8.80 -15.13
C SER A 126 -12.27 -9.83 -14.02
N TYR A 127 -11.15 -9.89 -13.29
CA TYR A 127 -11.00 -10.86 -12.18
C TYR A 127 -11.87 -10.40 -11.01
N THR A 128 -11.85 -9.12 -10.69
CA THR A 128 -12.72 -8.56 -9.63
C THR A 128 -14.19 -8.93 -9.92
N VAL A 129 -14.66 -8.67 -11.13
CA VAL A 129 -16.08 -8.96 -11.50
C VAL A 129 -16.31 -10.47 -11.37
N GLN A 130 -15.38 -11.29 -11.85
CA GLN A 130 -15.57 -12.76 -11.76
C GLN A 130 -15.68 -13.18 -10.30
N SER A 131 -14.81 -12.65 -9.44
N SER A 131 -14.83 -12.62 -9.43
CA SER A 131 -14.81 -12.99 -8.00
CA SER A 131 -14.76 -12.97 -7.99
C SER A 131 -16.15 -12.61 -7.37
C SER A 131 -16.06 -12.56 -7.28
N GLU A 132 -16.60 -11.38 -7.61
CA GLU A 132 -17.76 -10.79 -6.87
C GLU A 132 -19.12 -11.16 -7.48
N LEU A 133 -19.24 -11.27 -8.80
CA LEU A 133 -20.55 -11.62 -9.43
C LEU A 133 -20.57 -13.06 -9.88
N GLY A 134 -19.40 -13.68 -10.06
CA GLY A 134 -19.36 -15.03 -10.65
C GLY A 134 -19.40 -14.94 -12.16
N ASP A 135 -19.89 -16.01 -12.81
CA ASP A 135 -19.83 -16.18 -14.29
C ASP A 135 -20.53 -15.05 -15.02
N TYR A 136 -19.99 -14.67 -16.17
CA TYR A 136 -20.58 -13.63 -17.04
C TYR A 136 -22.04 -13.98 -17.35
N ASP A 137 -22.93 -13.00 -17.23
CA ASP A 137 -24.35 -13.09 -17.65
C ASP A 137 -24.67 -11.97 -18.64
N PRO A 138 -25.08 -12.30 -19.90
CA PRO A 138 -25.44 -11.28 -20.89
C PRO A 138 -26.69 -10.47 -20.51
N ASP A 139 -27.54 -11.01 -19.64
CA ASP A 139 -28.83 -10.40 -19.22
C ASP A 139 -28.56 -9.16 -18.35
N GLU A 140 -27.35 -9.04 -17.80
CA GLU A 140 -26.97 -7.95 -16.87
C GLU A 140 -26.18 -6.87 -17.61
N CYS A 141 -25.72 -7.17 -18.83
CA CYS A 141 -24.87 -6.27 -19.65
C CYS A 141 -25.33 -6.26 -21.11
N GLY A 142 -25.85 -5.13 -21.57
CA GLY A 142 -26.08 -4.84 -23.00
C GLY A 142 -24.83 -4.23 -23.61
N SER A 143 -24.88 -3.84 -24.88
CA SER A 143 -23.76 -3.19 -25.61
C SER A 143 -23.38 -1.89 -24.91
N ASP A 144 -24.27 -1.36 -24.06
CA ASP A 144 -24.13 -0.03 -23.40
C ASP A 144 -23.91 -0.19 -21.90
N TYR A 145 -23.39 -1.35 -21.44
CA TYR A 145 -23.18 -1.63 -20.00
C TYR A 145 -22.05 -0.75 -19.43
N ILE A 146 -22.30 -0.12 -18.29
CA ILE A 146 -21.27 0.57 -17.45
C ILE A 146 -21.39 0.06 -16.01
N SER A 147 -20.45 -0.79 -15.59
CA SER A 147 -20.35 -1.38 -14.24
C SER A 147 -20.41 -0.29 -13.16
N GLU A 148 -20.97 -0.65 -12.01
CA GLU A 148 -20.86 0.09 -10.73
C GLU A 148 -19.40 0.03 -10.23
N PHE A 149 -18.66 -1.03 -10.61
CA PHE A 149 -17.28 -1.26 -10.15
C PHE A 149 -16.44 -0.13 -10.75
N ARG A 150 -15.57 0.40 -9.90
CA ARG A 150 -14.52 1.39 -10.20
C ARG A 150 -13.27 0.58 -10.51
N PHE A 151 -12.77 0.73 -11.72
CA PHE A 151 -11.61 -0.03 -12.24
C PHE A 151 -10.35 0.80 -12.47
N ALA A 152 -10.47 2.13 -12.53
CA ALA A 152 -9.40 2.97 -13.07
C ALA A 152 -9.59 4.40 -12.64
N PRO A 153 -8.54 5.22 -12.67
CA PRO A 153 -8.63 6.62 -12.29
C PRO A 153 -9.57 7.35 -13.26
N ASN A 154 -9.64 6.89 -14.51
CA ASN A 154 -10.53 7.48 -15.56
C ASN A 154 -11.17 6.34 -16.35
N HIS A 155 -12.49 6.24 -16.31
CA HIS A 155 -13.25 5.19 -17.02
C HIS A 155 -13.59 5.64 -18.44
N THR A 156 -13.45 4.72 -19.37
CA THR A 156 -13.94 4.90 -20.77
C THR A 156 -14.85 3.75 -21.12
N LYS A 157 -15.73 3.96 -22.09
CA LYS A 157 -16.56 2.86 -22.61
C LYS A 157 -15.69 1.71 -23.11
N GLU A 158 -14.59 2.01 -23.82
CA GLU A 158 -13.65 0.99 -24.35
C GLU A 158 -13.17 0.11 -23.19
N LEU A 159 -12.86 0.72 -22.04
CA LEU A 159 -12.35 -0.07 -20.89
C LEU A 159 -13.49 -0.99 -20.39
N GLU A 160 -14.69 -0.44 -20.22
CA GLU A 160 -15.85 -1.23 -19.77
C GLU A 160 -16.06 -2.44 -20.68
N ASP A 161 -15.95 -2.23 -22.00
CA ASP A 161 -16.14 -3.25 -23.04
C ASP A 161 -15.08 -4.35 -22.83
N LYS A 162 -13.85 -3.94 -22.55
CA LYS A 162 -12.73 -4.90 -22.46
C LYS A 162 -12.85 -5.73 -21.19
N VAL A 163 -13.25 -5.13 -20.06
CA VAL A 163 -13.56 -5.90 -18.82
C VAL A 163 -14.58 -6.99 -19.16
N ILE A 164 -15.66 -6.65 -19.85
CA ILE A 164 -16.74 -7.63 -20.18
C ILE A 164 -16.14 -8.73 -21.06
N GLU A 165 -15.37 -8.37 -22.11
CA GLU A 165 -14.79 -9.39 -23.02
C GLU A 165 -13.92 -10.37 -22.23
N LEU A 166 -13.08 -9.89 -21.32
CA LEU A 166 -12.21 -10.78 -20.51
C LEU A 166 -13.03 -11.53 -19.49
N HIS A 167 -14.06 -10.90 -18.94
CA HIS A 167 -14.94 -11.56 -17.95
C HIS A 167 -15.56 -12.82 -18.59
N LYS A 168 -15.93 -12.74 -19.85
CA LYS A 168 -16.52 -13.91 -20.54
C LYS A 168 -15.56 -15.10 -20.50
N SER A 169 -14.24 -14.85 -20.56
CA SER A 169 -13.20 -15.90 -20.70
C SER A 169 -13.04 -16.63 -19.35
N HIS A 170 -13.53 -16.08 -18.24
CA HIS A 170 -13.26 -16.63 -16.88
C HIS A 170 -14.40 -17.55 -16.36
N ARG A 171 -15.32 -18.02 -17.20
CA ARG A 171 -16.45 -18.89 -16.72
C ARG A 171 -15.89 -20.08 -15.94
N GLY A 172 -16.48 -20.38 -14.77
CA GLY A 172 -16.09 -21.51 -13.93
C GLY A 172 -15.14 -21.06 -12.84
N MET A 173 -14.58 -19.86 -12.94
CA MET A 173 -13.54 -19.42 -11.98
C MET A 173 -14.17 -19.08 -10.64
N THR A 174 -13.59 -19.57 -9.56
CA THR A 174 -14.10 -19.35 -8.19
C THR A 174 -13.45 -18.08 -7.62
N PRO A 175 -14.03 -17.49 -6.56
CA PRO A 175 -13.53 -16.20 -6.06
C PRO A 175 -12.07 -16.21 -5.63
N ALA A 176 -11.60 -17.22 -4.88
CA ALA A 176 -10.19 -17.26 -4.46
C ALA A 176 -9.31 -17.36 -5.70
N GLU A 177 -9.76 -18.15 -6.68
CA GLU A 177 -8.98 -18.38 -7.93
C GLU A 177 -8.84 -17.04 -8.70
N ALA A 178 -9.91 -16.28 -8.78
CA ALA A 178 -9.97 -15.00 -9.52
C ALA A 178 -9.08 -13.98 -8.77
N GLU A 179 -9.17 -13.94 -7.45
CA GLU A 179 -8.35 -13.02 -6.61
C GLU A 179 -6.87 -13.38 -6.78
N MET A 180 -6.54 -14.66 -6.82
CA MET A 180 -5.13 -15.08 -7.04
C MET A 180 -4.67 -14.59 -8.41
N HIS A 181 -5.47 -14.73 -9.46
CA HIS A 181 -5.10 -14.20 -10.81
C HIS A 181 -4.92 -12.68 -10.75
N PHE A 182 -5.85 -12.00 -10.08
CA PHE A 182 -5.73 -10.53 -9.91
C PHE A 182 -4.32 -10.22 -9.39
N LEU A 183 -3.94 -10.87 -8.30
CA LEU A 183 -2.67 -10.62 -7.61
C LEU A 183 -1.44 -11.03 -8.42
N GLU A 184 -1.51 -12.12 -9.17
CA GLU A 184 -0.39 -12.55 -10.07
C GLU A 184 -0.13 -11.48 -11.13
N ASN A 185 -1.16 -10.79 -11.63
CA ASN A 185 -0.98 -9.66 -12.57
C ASN A 185 -0.52 -8.40 -11.81
N ALA A 186 -1.18 -8.04 -10.71
CA ALA A 186 -0.92 -6.75 -10.01
C ALA A 186 0.52 -6.71 -9.48
N LYS A 187 1.05 -7.85 -9.01
CA LYS A 187 2.35 -7.92 -8.32
C LYS A 187 3.45 -7.57 -9.33
N LYS A 188 3.18 -7.65 -10.64
CA LYS A 188 4.20 -7.44 -11.70
C LYS A 188 4.32 -5.97 -12.10
N LEU A 189 3.38 -5.13 -11.69
CA LEU A 189 3.34 -3.70 -12.08
C LEU A 189 4.56 -3.02 -11.44
N SER A 190 5.20 -2.14 -12.18
CA SER A 190 6.48 -1.53 -11.75
C SER A 190 6.28 -0.74 -10.45
N MET A 191 5.08 -0.23 -10.14
CA MET A 191 4.81 0.58 -8.92
C MET A 191 4.08 -0.24 -7.84
N TYR A 192 3.97 -1.56 -8.00
CA TYR A 192 3.35 -2.44 -6.97
C TYR A 192 4.05 -2.29 -5.62
N GLY A 193 3.27 -1.90 -4.61
CA GLY A 193 3.68 -1.74 -3.20
C GLY A 193 4.80 -0.71 -3.03
N VAL A 194 4.90 0.27 -3.93
CA VAL A 194 5.94 1.33 -3.79
C VAL A 194 5.31 2.53 -3.08
N ASP A 195 5.82 2.88 -1.90
CA ASP A 195 5.44 4.09 -1.14
C ASP A 195 6.34 5.22 -1.64
N LEU A 196 5.79 6.25 -2.29
CA LEU A 196 6.56 7.34 -2.95
C LEU A 196 6.66 8.57 -2.06
N HIS A 197 7.86 9.13 -1.96
CA HIS A 197 8.14 10.32 -1.13
C HIS A 197 8.81 11.36 -2.03
N HIS A 198 8.25 12.56 -2.17
CA HIS A 198 8.91 13.72 -2.84
C HIS A 198 10.19 14.12 -2.08
N ALA A 199 11.27 14.38 -2.81
CA ALA A 199 12.58 14.77 -2.25
C ALA A 199 13.41 15.50 -3.30
N LYS A 200 14.54 16.02 -2.87
CA LYS A 200 15.60 16.64 -3.72
C LYS A 200 16.90 15.90 -3.46
N ASP A 201 17.76 15.76 -4.46
CA ASP A 201 19.06 15.06 -4.25
C ASP A 201 20.02 16.08 -3.62
N SER A 202 21.24 15.64 -3.29
CA SER A 202 22.28 16.48 -2.62
C SER A 202 22.66 17.67 -3.51
N GLU A 203 22.13 17.72 -4.74
CA GLU A 203 22.32 18.85 -5.69
C GLU A 203 21.07 19.73 -5.80
N GLY A 204 19.95 19.38 -5.17
CA GLY A 204 18.71 20.21 -5.26
C GLY A 204 17.77 19.77 -6.37
N VAL A 205 18.07 18.67 -7.09
CA VAL A 205 17.20 18.17 -8.21
C VAL A 205 16.04 17.38 -7.59
N GLU A 206 14.82 17.69 -8.01
CA GLU A 206 13.55 17.07 -7.55
C GLU A 206 13.54 15.62 -8.01
N ILE A 207 13.34 14.72 -7.07
CA ILE A 207 13.28 13.26 -7.33
C ILE A 207 12.10 12.70 -6.56
N MET A 208 11.81 11.41 -6.77
CA MET A 208 10.94 10.64 -5.87
C MET A 208 11.75 9.50 -5.29
N LEU A 209 11.54 9.23 -4.01
CA LEU A 209 12.10 8.04 -3.33
C LEU A 209 10.96 7.05 -3.15
N GLY A 210 11.14 5.82 -3.60
CA GLY A 210 10.12 4.76 -3.46
C GLY A 210 10.57 3.73 -2.47
N VAL A 211 9.69 3.38 -1.54
CA VAL A 211 10.03 2.39 -0.50
C VAL A 211 9.21 1.13 -0.79
N CYS A 212 9.89 0.00 -0.90
CA CYS A 212 9.21 -1.27 -1.22
C CYS A 212 10.06 -2.45 -0.80
N ALA A 213 9.52 -3.66 -0.97
CA ALA A 213 10.16 -4.94 -0.62
C ALA A 213 11.59 -4.97 -1.16
N SER A 214 11.80 -4.49 -2.38
CA SER A 214 13.07 -4.73 -3.10
C SER A 214 14.08 -3.62 -2.78
N GLY A 215 13.72 -2.64 -1.98
CA GLY A 215 14.72 -1.68 -1.47
C GLY A 215 14.25 -0.25 -1.55
N LEU A 216 15.18 0.66 -1.63
CA LEU A 216 14.87 2.09 -1.81
C LEU A 216 15.12 2.42 -3.28
N LEU A 217 14.11 2.94 -3.97
CA LEU A 217 14.23 3.28 -5.40
C LEU A 217 14.33 4.80 -5.51
N ILE A 218 15.04 5.29 -6.54
CA ILE A 218 15.11 6.72 -6.94
C ILE A 218 14.60 6.85 -8.38
N TYR A 219 13.89 7.92 -8.72
CA TYR A 219 13.06 8.00 -9.95
C TYR A 219 13.49 9.14 -10.86
N ARG A 220 13.96 10.26 -10.31
CA ARG A 220 14.41 11.46 -11.06
C ARG A 220 13.69 11.52 -12.42
N ASP A 221 14.46 11.67 -13.50
CA ASP A 221 13.96 12.12 -14.83
C ASP A 221 13.65 10.92 -15.74
N ARG A 222 13.34 9.76 -15.17
CA ARG A 222 12.84 8.58 -15.94
C ARG A 222 14.04 7.76 -16.42
N LEU A 223 14.87 8.34 -17.30
CA LEU A 223 16.17 7.77 -17.73
C LEU A 223 17.05 7.55 -16.48
N ARG A 224 16.99 8.50 -15.54
CA ARG A 224 17.83 8.55 -14.31
C ARG A 224 17.11 7.86 -13.15
N ILE A 225 17.26 6.54 -13.02
CA ILE A 225 16.68 5.70 -11.93
C ILE A 225 17.84 4.95 -11.24
N ASN A 226 17.67 4.64 -9.94
CA ASN A 226 18.65 3.89 -9.12
C ASN A 226 17.88 3.06 -8.09
N ARG A 227 18.45 1.94 -7.63
CA ARG A 227 17.85 1.13 -6.53
C ARG A 227 18.93 0.71 -5.54
N PHE A 228 18.59 0.74 -4.26
CA PHE A 228 19.44 0.26 -3.14
C PHE A 228 18.65 -0.85 -2.49
N ALA A 229 19.03 -2.10 -2.77
CA ALA A 229 18.46 -3.30 -2.13
C ALA A 229 18.68 -3.22 -0.63
N TRP A 230 17.71 -3.64 0.16
CA TRP A 230 17.77 -3.46 1.63
C TRP A 230 19.04 -4.05 2.22
N PRO A 231 19.51 -5.24 1.76
CA PRO A 231 20.70 -5.83 2.38
C PRO A 231 21.90 -4.87 2.25
N LYS A 232 22.00 -4.10 1.17
CA LYS A 232 23.14 -3.16 0.95
C LYS A 232 23.11 -2.03 1.99
N VAL A 233 21.93 -1.77 2.56
CA VAL A 233 21.72 -0.58 3.45
C VAL A 233 22.07 -0.96 4.89
N LEU A 234 23.11 -0.36 5.46
CA LEU A 234 23.55 -0.67 6.85
C LEU A 234 22.88 0.24 7.87
N LYS A 235 22.52 1.45 7.47
CA LYS A 235 22.08 2.49 8.41
C LYS A 235 21.20 3.49 7.67
N ILE A 236 20.05 3.75 8.28
CA ILE A 236 19.09 4.77 7.81
C ILE A 236 19.01 5.80 8.92
N SER A 237 19.10 7.07 8.57
CA SER A 237 19.10 8.17 9.58
C SER A 237 18.42 9.41 9.00
N TYR A 238 18.03 10.35 9.87
CA TYR A 238 17.53 11.67 9.47
C TYR A 238 18.12 12.74 10.38
N LYS A 239 18.20 13.96 9.87
CA LYS A 239 18.68 15.12 10.67
C LYS A 239 18.10 16.36 10.02
N ARG A 240 17.34 17.14 10.78
CA ARG A 240 16.58 18.33 10.28
C ARG A 240 15.73 17.86 9.08
N ASN A 241 15.90 18.45 7.90
CA ASN A 241 15.06 18.18 6.71
C ASN A 241 15.72 17.12 5.83
N ASN A 242 16.79 16.49 6.33
CA ASN A 242 17.64 15.58 5.53
C ASN A 242 17.47 14.12 5.96
N PHE A 243 17.57 13.24 4.96
CA PHE A 243 17.49 11.78 5.09
C PHE A 243 18.78 11.19 4.51
N TYR A 244 19.37 10.20 5.20
CA TYR A 244 20.64 9.52 4.80
C TYR A 244 20.52 8.00 4.82
N ILE A 245 21.12 7.35 3.82
CA ILE A 245 21.34 5.88 3.87
C ILE A 245 22.84 5.60 3.87
N LYS A 246 23.30 4.77 4.79
CA LYS A 246 24.71 4.30 4.76
C LYS A 246 24.74 2.97 4.01
N ILE A 247 25.49 2.96 2.91
CA ILE A 247 25.70 1.78 2.01
C ILE A 247 26.96 1.02 2.44
N ARG A 248 26.86 -0.30 2.44
CA ARG A 248 28.00 -1.23 2.64
C ARG A 248 29.13 -0.83 1.69
N PRO A 249 30.43 -0.91 2.08
CA PRO A 249 31.50 -0.82 1.09
C PRO A 249 31.32 -1.90 0.01
N GLY A 250 31.48 -1.54 -1.27
CA GLY A 250 31.60 -2.49 -2.38
C GLY A 250 32.83 -3.38 -2.22
N GLU A 251 32.94 -4.47 -2.98
CA GLU A 251 34.10 -5.39 -2.83
C GLU A 251 35.36 -4.56 -3.07
N PHE A 252 36.39 -4.73 -2.24
CA PHE A 252 37.73 -4.09 -2.41
C PHE A 252 37.66 -2.58 -2.17
N GLU A 253 36.54 -2.03 -1.73
CA GLU A 253 36.44 -0.58 -1.43
C GLU A 253 36.80 -0.38 0.05
N GLN A 254 37.51 0.71 0.37
CA GLN A 254 38.01 0.92 1.75
C GLN A 254 36.83 1.38 2.66
N PHE A 255 35.92 2.19 2.12
CA PHE A 255 34.95 2.98 2.93
C PHE A 255 33.52 2.69 2.49
N GLU A 256 32.63 2.69 3.48
CA GLU A 256 31.16 2.77 3.33
C GLU A 256 30.86 4.03 2.56
N SER A 257 29.64 4.20 2.05
CA SER A 257 29.24 5.49 1.43
C SER A 257 27.89 5.91 2.04
N THR A 258 27.73 7.20 2.32
CA THR A 258 26.49 7.77 2.92
C THR A 258 25.82 8.56 1.81
N ILE A 259 24.52 8.32 1.52
CA ILE A 259 23.82 9.15 0.49
C ILE A 259 22.70 9.92 1.16
N GLY A 260 22.64 11.21 0.84
CA GLY A 260 21.85 12.26 1.54
C GLY A 260 20.77 12.83 0.62
N PHE A 261 19.57 13.06 1.16
CA PHE A 261 18.46 13.69 0.38
C PHE A 261 17.79 14.79 1.22
N LYS A 262 17.20 15.78 0.56
CA LYS A 262 16.41 16.87 1.18
C LYS A 262 14.91 16.55 1.09
N LEU A 263 14.23 16.51 2.23
CA LEU A 263 12.77 16.25 2.28
C LEU A 263 12.05 17.58 2.48
N PRO A 264 10.72 17.63 2.19
CA PRO A 264 9.92 18.84 2.30
C PRO A 264 10.05 19.55 3.65
N ASN A 265 10.24 18.81 4.73
CA ASN A 265 10.33 19.35 6.11
C ASN A 265 10.80 18.23 7.01
N HIS A 266 10.97 18.51 8.28
CA HIS A 266 11.53 17.55 9.25
C HIS A 266 10.59 16.36 9.48
N ARG A 267 9.28 16.60 9.50
CA ARG A 267 8.30 15.50 9.74
C ARG A 267 8.40 14.51 8.59
N ALA A 268 8.57 15.03 7.37
CA ALA A 268 8.66 14.20 6.16
C ALA A 268 9.95 13.39 6.18
N ALA A 269 11.08 13.94 6.64
CA ALA A 269 12.34 13.17 6.75
C ALA A 269 12.16 12.06 7.78
N LYS A 270 11.51 12.32 8.93
CA LYS A 270 11.35 11.33 10.02
C LYS A 270 10.44 10.19 9.52
N ARG A 271 9.36 10.54 8.84
CA ARG A 271 8.38 9.59 8.26
C ARG A 271 9.07 8.67 7.25
N LEU A 272 9.90 9.23 6.37
CA LEU A 272 10.59 8.41 5.34
C LEU A 272 11.57 7.46 6.06
N TRP A 273 12.30 7.98 7.05
CA TRP A 273 13.23 7.18 7.88
C TRP A 273 12.45 5.98 8.47
N LYS A 274 11.32 6.24 9.10
CA LYS A 274 10.59 5.19 9.87
C LYS A 274 10.08 4.11 8.91
N VAL A 275 9.50 4.48 7.77
CA VAL A 275 8.96 3.48 6.80
C VAL A 275 10.12 2.67 6.21
N CYS A 276 11.28 3.28 5.94
CA CYS A 276 12.45 2.53 5.42
C CYS A 276 12.93 1.52 6.45
N VAL A 277 13.13 1.94 7.69
CA VAL A 277 13.61 1.04 8.79
C VAL A 277 12.62 -0.12 8.87
N GLU A 278 11.32 0.17 8.82
CA GLU A 278 10.28 -0.88 8.97
C GLU A 278 10.36 -1.85 7.79
N HIS A 279 10.46 -1.34 6.56
CA HIS A 279 10.58 -2.20 5.36
C HIS A 279 11.85 -3.04 5.48
N HIS A 280 12.96 -2.43 5.88
CA HIS A 280 14.29 -3.12 5.97
C HIS A 280 14.15 -4.33 6.90
N THR A 281 13.56 -4.11 8.06
CA THR A 281 13.34 -5.18 9.06
C THR A 281 12.37 -6.23 8.50
N PHE A 282 11.25 -5.82 7.93
CA PHE A 282 10.18 -6.76 7.55
C PHE A 282 10.73 -7.68 6.45
N PHE A 283 11.37 -7.09 5.45
CA PHE A 283 11.73 -7.87 4.24
C PHE A 283 13.05 -8.61 4.48
N ARG A 284 13.89 -8.16 5.41
CA ARG A 284 15.02 -8.98 5.97
C ARG A 284 14.49 -10.31 6.53
N LEU A 285 13.33 -10.29 7.18
CA LEU A 285 12.83 -11.47 7.94
C LEU A 285 11.91 -12.32 7.06
N LEU A 286 11.17 -11.71 6.13
CA LEU A 286 9.99 -12.33 5.50
C LEU A 286 10.40 -13.67 4.93
C01 RYP B . -17.12 9.70 9.97
C03 RYP B . -14.71 10.02 10.04
C04 RYP B . -13.39 9.60 9.42
C05 RYP B . -12.89 8.33 9.73
C06 RYP B . -11.63 7.98 9.23
C08 RYP B . -11.39 10.05 8.16
C09 RYP B . -12.64 10.49 8.62
N02 RYP B . -15.84 9.51 9.25
N07 RYP B . -10.87 8.81 8.45
S DMS C . -11.36 3.36 1.13
O DMS C . -10.53 2.19 0.65
C1 DMS C . -10.57 4.81 0.46
C2 DMS C . -12.81 3.37 0.10
S DMS D . 9.25 -3.31 -7.73
O DMS D . 8.65 -4.01 -8.91
C1 DMS D . 7.93 -2.38 -7.02
C2 DMS D . 10.21 -1.98 -8.38
C1 EDO E . -7.32 -21.03 3.38
O1 EDO E . -7.92 -19.77 3.19
C2 EDO E . -7.16 -21.73 2.10
O2 EDO E . -6.01 -21.32 1.38
C1 EDO F . -2.68 4.63 0.70
O1 EDO F . -4.08 4.63 1.01
C2 EDO F . -1.91 3.58 1.40
O2 EDO F . -1.88 3.65 2.83
C1 EDO G . 1.46 7.49 -4.41
O1 EDO G . 1.94 8.73 -4.01
C2 EDO G . 2.46 6.40 -4.35
O2 EDO G . 3.05 6.26 -3.08
C1 EDO H . -15.63 0.09 -6.45
O1 EDO H . -16.82 -0.01 -7.19
C2 EDO H . -14.63 -0.90 -6.85
O2 EDO H . -13.27 -0.52 -6.65
C1 EDO I . 4.37 22.49 12.74
O1 EDO I . 3.18 23.09 13.27
C2 EDO I . 4.29 21.03 12.48
O2 EDO I . 5.28 20.21 13.14
C1 EDO J . 0.71 2.45 -2.96
O1 EDO J . -0.10 3.20 -2.09
C2 EDO J . 1.76 1.71 -2.22
O2 EDO J . 2.05 2.39 -0.99
C1 EDO K . -7.18 8.64 8.01
O1 EDO K . -8.43 8.07 7.70
C2 EDO K . -6.05 8.00 7.28
O2 EDO K . -5.94 8.43 5.93
#